data_2W4R
#
_entry.id   2W4R
#
_cell.length_a   63.670
_cell.length_b   75.620
_cell.length_c   147.870
_cell.angle_alpha   90.00
_cell.angle_beta   90.00
_cell.angle_gamma   90.00
#
_symmetry.space_group_name_H-M   'P 21 21 21'
#
loop_
_entity.id
_entity.type
_entity.pdbx_description
1 polymer 'PROBABLE ATP-DEPENDENT RNA HELICASE DHX58'
2 non-polymer 'MERCURY (II) ION'
3 non-polymer 'SULFATE ION'
4 water water
#
_entity_poly.entity_id   1
_entity_poly.type   'polypeptide(L)'
_entity_poly.pdbx_seq_one_letter_code
;AAQRENQRQQFPVEHVQLLCINCMVAVGHGSDLRKVEGTHHVNVNPNFSNYYNVSRDPVVINKVFKDWKPGGVISCRNCG
EVWGLQMIYKSVKLPVLKVRSMLLETPQGRIQAKKWSRVPFSVPDFDFLQHCAENLSDLSLD
;
_entity_poly.pdbx_strand_id   A,B,C,D
#
loop_
_chem_comp.id
_chem_comp.type
_chem_comp.name
_chem_comp.formula
HG non-polymer 'MERCURY (II) ION' 'Hg 2'
SO4 non-polymer 'SULFATE ION' 'O4 S -2'
#
# COMPACT_ATOMS: atom_id res chain seq x y z
N ARG A 8 -17.55 -31.69 22.34
CA ARG A 8 -16.20 -31.22 22.03
C ARG A 8 -15.42 -30.94 23.30
N GLN A 9 -14.12 -31.20 23.25
CA GLN A 9 -13.24 -30.95 24.39
C GLN A 9 -13.04 -29.47 24.72
N GLN A 10 -12.10 -29.23 25.63
CA GLN A 10 -11.84 -27.89 26.12
C GLN A 10 -10.45 -27.89 26.74
N PHE A 11 -9.61 -26.96 26.27
CA PHE A 11 -8.29 -26.79 26.86
C PHE A 11 -8.15 -25.38 27.39
N PRO A 12 -7.17 -25.16 28.27
CA PRO A 12 -6.79 -23.80 28.65
C PRO A 12 -6.15 -23.14 27.43
N VAL A 13 -6.48 -21.88 27.17
CA VAL A 13 -5.93 -21.17 26.02
C VAL A 13 -4.41 -21.25 25.99
N GLU A 14 -3.79 -21.26 27.16
CA GLU A 14 -2.34 -21.35 27.24
C GLU A 14 -1.82 -22.58 26.53
N HIS A 15 -2.69 -23.55 26.30
CA HIS A 15 -2.26 -24.85 25.82
C HIS A 15 -2.52 -25.08 24.34
N VAL A 16 -3.10 -24.07 23.69
CA VAL A 16 -3.34 -24.12 22.25
C VAL A 16 -2.46 -23.11 21.53
N GLN A 17 -1.61 -23.61 20.63
CA GLN A 17 -0.74 -22.73 19.85
C GLN A 17 -1.28 -22.52 18.46
N LEU A 18 -0.99 -21.34 17.90
CA LEU A 18 -1.43 -20.98 16.55
C LEU A 18 -0.38 -21.32 15.50
N LEU A 19 -0.81 -22.06 14.48
CA LEU A 19 0.03 -22.34 13.33
C LEU A 19 -0.67 -21.87 12.05
N CYS A 20 0.11 -21.60 11.02
CA CYS A 20 -0.46 -21.20 9.74
C CYS A 20 -1.09 -22.41 9.05
N ILE A 21 -2.37 -22.32 8.73
CA ILE A 21 -3.05 -23.45 8.11
C ILE A 21 -2.21 -24.08 6.99
N ASN A 22 -1.40 -23.26 6.32
CA ASN A 22 -0.64 -23.72 5.16
C ASN A 22 0.75 -24.25 5.50
N CYS A 23 1.65 -23.37 5.90
CA CYS A 23 3.01 -23.79 6.16
C CYS A 23 3.15 -24.41 7.56
N MET A 24 2.20 -24.11 8.42
CA MET A 24 2.11 -24.73 9.73
C MET A 24 3.27 -24.37 10.66
N VAL A 25 3.88 -23.21 10.40
CA VAL A 25 4.89 -22.69 11.32
C VAL A 25 4.20 -22.14 12.56
N ALA A 26 4.81 -22.36 13.72
CA ALA A 26 4.27 -21.84 14.96
C ALA A 26 4.30 -20.33 14.90
N VAL A 27 3.12 -19.71 14.90
CA VAL A 27 3.06 -18.26 14.69
C VAL A 27 2.46 -17.49 15.85
N GLY A 28 1.70 -18.16 16.70
CA GLY A 28 1.04 -17.48 17.79
C GLY A 28 0.57 -18.34 18.95
N HIS A 29 -0.06 -17.67 19.91
CA HIS A 29 -0.58 -18.31 21.10
C HIS A 29 -2.06 -18.00 21.24
N GLY A 30 -2.87 -19.01 21.50
CA GLY A 30 -4.29 -18.83 21.70
C GLY A 30 -4.58 -17.91 22.86
N SER A 31 -3.58 -17.69 23.69
CA SER A 31 -3.70 -16.81 24.83
C SER A 31 -3.57 -15.33 24.45
N ASP A 32 -3.18 -15.09 23.20
CA ASP A 32 -3.06 -13.73 22.69
C ASP A 32 -4.33 -13.29 21.97
N LEU A 33 -5.26 -14.22 21.78
CA LEU A 33 -6.51 -13.91 21.12
C LEU A 33 -7.47 -13.10 21.98
N ARG A 34 -8.15 -12.15 21.36
CA ARG A 34 -9.15 -11.35 22.04
C ARG A 34 -10.35 -11.17 21.13
N LYS A 35 -11.53 -10.98 21.72
CA LYS A 35 -12.73 -10.71 20.93
C LYS A 35 -13.05 -9.22 20.92
N VAL A 36 -13.25 -8.67 19.73
CA VAL A 36 -13.60 -7.27 19.56
C VAL A 36 -14.99 -7.18 18.95
N GLU A 37 -15.85 -6.37 19.57
CA GLU A 37 -17.25 -6.26 19.16
C GLU A 37 -17.92 -7.63 19.16
N GLY A 38 -17.48 -8.48 20.08
CA GLY A 38 -17.98 -9.83 20.18
C GLY A 38 -17.35 -10.82 19.21
N THR A 39 -17.40 -10.51 17.92
CA THR A 39 -17.11 -11.48 16.87
C THR A 39 -15.66 -11.49 16.34
N HIS A 40 -15.12 -10.31 16.05
CA HIS A 40 -13.81 -10.22 15.43
C HIS A 40 -12.70 -10.67 16.39
N HIS A 41 -11.92 -11.64 15.95
CA HIS A 41 -10.85 -12.18 16.79
C HIS A 41 -9.50 -11.60 16.43
N VAL A 42 -8.97 -10.77 17.31
CA VAL A 42 -7.67 -10.16 17.05
C VAL A 42 -6.59 -10.84 17.87
N ASN A 43 -5.35 -10.55 17.52
CA ASN A 43 -4.21 -10.95 18.31
C ASN A 43 -3.59 -9.66 18.81
N VAL A 44 -3.30 -9.59 20.11
CA VAL A 44 -2.85 -8.36 20.73
C VAL A 44 -1.42 -8.47 21.23
N ASN A 45 -0.76 -9.56 20.88
CA ASN A 45 0.66 -9.72 21.16
C ASN A 45 1.47 -8.93 20.13
N PRO A 46 2.27 -7.96 20.59
CA PRO A 46 3.00 -7.11 19.65
C PRO A 46 3.98 -7.93 18.80
N ASN A 47 4.65 -8.89 19.44
CA ASN A 47 5.58 -9.76 18.74
C ASN A 47 4.94 -10.51 17.56
N PHE A 48 3.63 -10.40 17.43
CA PHE A 48 2.92 -11.11 16.37
C PHE A 48 3.29 -10.59 14.97
N SER A 49 3.51 -9.29 14.87
CA SER A 49 3.83 -8.66 13.59
C SER A 49 5.09 -9.26 12.97
N ASN A 50 5.84 -9.99 13.77
CA ASN A 50 7.02 -10.66 13.22
C ASN A 50 6.67 -11.83 12.32
N TYR A 51 5.39 -12.16 12.22
CA TYR A 51 4.98 -13.33 11.45
C TYR A 51 4.14 -12.97 10.24
N TYR A 52 3.68 -11.74 10.16
CA TYR A 52 2.87 -11.37 9.02
C TYR A 52 3.34 -10.12 8.28
N ASN A 53 3.21 -10.14 6.97
CA ASN A 53 3.38 -8.94 6.17
C ASN A 53 2.03 -8.28 6.01
N VAL A 54 2.02 -6.95 5.94
CA VAL A 54 0.81 -6.20 5.65
C VAL A 54 0.88 -5.70 4.23
N SER A 55 -0.25 -5.65 3.54
CA SER A 55 -0.28 -5.01 2.24
C SER A 55 -1.55 -4.17 2.11
N ARG A 56 -1.37 -2.91 1.72
CA ARG A 56 -2.50 -2.00 1.57
C ARG A 56 -3.31 -2.35 0.33
N ASP A 57 -4.20 -3.34 0.47
CA ASP A 57 -5.23 -3.57 -0.54
C ASP A 57 -6.53 -3.14 0.12
N PRO A 58 -6.67 -1.84 0.41
CA PRO A 58 -7.94 -1.45 1.02
C PRO A 58 -9.08 -1.89 0.12
N VAL A 59 -10.26 -2.08 0.70
CA VAL A 59 -11.42 -2.51 -0.08
C VAL A 59 -12.67 -1.94 0.55
N VAL A 60 -13.76 -1.87 -0.21
CA VAL A 60 -15.04 -1.47 0.36
C VAL A 60 -16.20 -2.10 -0.42
N PHE A 65 -17.94 -3.87 12.68
CA PHE A 65 -17.04 -2.83 12.20
C PHE A 65 -17.73 -1.48 12.10
N LYS A 66 -17.94 -0.83 13.24
CA LYS A 66 -18.52 0.51 13.26
C LYS A 66 -17.61 1.51 13.96
N ASP A 67 -16.77 1.00 14.87
CA ASP A 67 -15.81 1.85 15.56
C ASP A 67 -14.39 1.58 15.09
N TRP A 68 -14.25 0.76 14.07
CA TRP A 68 -12.94 0.40 13.55
C TRP A 68 -12.86 0.48 12.03
N LYS A 69 -11.83 1.13 11.54
CA LYS A 69 -11.58 1.20 10.11
C LYS A 69 -10.53 0.15 9.74
N PRO A 70 -10.83 -0.68 8.73
CA PRO A 70 -9.93 -1.73 8.27
C PRO A 70 -8.61 -1.17 7.75
N GLY A 71 -7.51 -1.83 8.09
CA GLY A 71 -6.21 -1.46 7.56
C GLY A 71 -5.87 -2.33 6.37
N GLY A 72 -4.65 -2.84 6.33
CA GLY A 72 -4.21 -3.66 5.21
C GLY A 72 -4.48 -5.15 5.37
N VAL A 73 -4.29 -5.89 4.30
CA VAL A 73 -4.41 -7.34 4.34
C VAL A 73 -3.14 -7.99 4.89
N ILE A 74 -3.35 -9.01 5.72
CA ILE A 74 -2.31 -9.60 6.54
C ILE A 74 -2.00 -11.01 6.05
N SER A 75 -0.72 -11.33 5.92
CA SER A 75 -0.35 -12.62 5.36
C SER A 75 0.94 -13.18 5.94
N CYS A 76 1.08 -14.49 5.89
CA CYS A 76 2.23 -15.16 6.51
C CYS A 76 3.56 -14.75 5.90
N ARG A 77 4.46 -14.24 6.73
CA ARG A 77 5.78 -13.85 6.27
C ARG A 77 6.41 -15.00 5.49
N ASN A 78 6.00 -16.22 5.82
CA ASN A 78 6.73 -17.40 5.35
C ASN A 78 6.14 -18.14 4.15
N CYS A 79 4.83 -18.08 3.95
CA CYS A 79 4.25 -18.80 2.83
C CYS A 79 3.25 -17.93 2.06
N GLY A 80 2.93 -16.79 2.63
CA GLY A 80 2.10 -15.80 1.99
C GLY A 80 0.62 -16.05 2.17
N GLU A 81 0.26 -17.03 2.99
CA GLU A 81 -1.14 -17.26 3.28
C GLU A 81 -1.78 -16.02 3.89
N VAL A 82 -2.95 -15.67 3.40
CA VAL A 82 -3.70 -14.57 3.98
C VAL A 82 -4.36 -15.03 5.25
N TRP A 83 -4.12 -14.29 6.33
CA TRP A 83 -4.64 -14.63 7.66
C TRP A 83 -5.85 -13.79 8.03
N GLY A 84 -5.97 -12.61 7.44
CA GLY A 84 -7.02 -11.68 7.80
C GLY A 84 -6.65 -10.28 7.39
N LEU A 85 -7.18 -9.30 8.10
CA LEU A 85 -6.93 -7.91 7.76
C LEU A 85 -6.72 -7.09 9.02
N GLN A 86 -6.03 -5.96 8.89
CA GLN A 86 -5.87 -5.08 10.03
C GLN A 86 -7.16 -4.35 10.35
N MET A 87 -7.25 -3.91 11.60
CA MET A 87 -8.37 -3.11 12.06
C MET A 87 -7.81 -1.99 12.95
N ILE A 88 -8.35 -0.78 12.78
CA ILE A 88 -7.88 0.38 13.53
C ILE A 88 -9.00 1.12 14.27
N TYR A 89 -8.69 1.63 15.46
CA TYR A 89 -9.64 2.40 16.25
C TYR A 89 -8.89 3.44 17.07
N LYS A 90 -9.22 4.70 16.85
CA LYS A 90 -8.57 5.77 17.58
C LYS A 90 -7.05 5.60 17.47
N SER A 91 -6.57 5.36 16.25
CA SER A 91 -5.14 5.33 15.96
C SER A 91 -4.42 4.02 16.30
N VAL A 92 -5.18 2.97 16.60
CA VAL A 92 -4.59 1.68 16.99
C VAL A 92 -4.85 0.56 15.97
N LYS A 93 -3.83 -0.22 15.65
CA LYS A 93 -3.94 -1.23 14.58
C LYS A 93 -3.76 -2.66 15.07
N LEU A 94 -4.81 -3.45 14.99
CA LEU A 94 -4.78 -4.86 15.41
C LEU A 94 -5.05 -5.82 14.25
N PRO A 95 -4.36 -6.96 14.23
CA PRO A 95 -4.58 -8.01 13.23
C PRO A 95 -5.84 -8.84 13.51
N VAL A 96 -6.84 -8.75 12.66
CA VAL A 96 -8.04 -9.56 12.82
C VAL A 96 -7.88 -10.88 12.08
N LEU A 97 -7.98 -11.99 12.81
CA LEU A 97 -7.68 -13.31 12.25
C LEU A 97 -8.91 -14.05 11.78
N LYS A 98 -8.81 -14.64 10.58
CA LYS A 98 -9.87 -15.50 10.06
C LYS A 98 -9.65 -16.90 10.60
N VAL A 99 -10.71 -17.50 11.13
CA VAL A 99 -10.57 -18.78 11.82
C VAL A 99 -10.00 -19.85 10.88
N ARG A 100 -10.49 -19.88 9.64
CA ARG A 100 -10.14 -20.96 8.75
C ARG A 100 -8.70 -20.90 8.31
N SER A 101 -8.00 -19.83 8.68
CA SER A 101 -6.60 -19.66 8.29
C SER A 101 -5.65 -20.13 9.38
N MET A 102 -6.22 -20.56 10.50
CA MET A 102 -5.40 -20.98 11.62
C MET A 102 -5.49 -22.49 11.85
N LEU A 103 -4.37 -23.09 12.24
CA LEU A 103 -4.34 -24.47 12.65
C LEU A 103 -4.11 -24.49 14.15
N LEU A 104 -5.11 -24.97 14.88
CA LEU A 104 -5.05 -24.98 16.33
C LEU A 104 -4.27 -26.18 16.81
N GLU A 105 -3.12 -25.93 17.42
CA GLU A 105 -2.32 -27.03 17.94
C GLU A 105 -2.66 -27.25 19.41
N THR A 106 -3.66 -28.08 19.64
CA THR A 106 -4.04 -28.45 21.00
C THR A 106 -3.12 -29.57 21.48
N PRO A 107 -3.13 -29.85 22.79
CA PRO A 107 -2.39 -31.02 23.26
C PRO A 107 -2.98 -32.31 22.69
N GLN A 108 -4.17 -32.19 22.10
CA GLN A 108 -4.84 -33.31 21.47
C GLN A 108 -4.28 -33.56 20.08
N GLY A 109 -3.72 -32.51 19.48
CA GLY A 109 -3.27 -32.54 18.10
C GLY A 109 -3.62 -31.24 17.41
N ARG A 110 -3.83 -31.31 16.10
CA ARG A 110 -4.06 -30.11 15.30
C ARG A 110 -5.46 -30.07 14.70
N ILE A 111 -6.22 -29.03 14.99
CA ILE A 111 -7.58 -28.95 14.47
C ILE A 111 -7.82 -27.64 13.78
N GLN A 112 -8.43 -27.69 12.61
CA GLN A 112 -8.81 -26.50 11.89
C GLN A 112 -10.30 -26.29 12.08
N ALA A 113 -10.69 -25.11 12.54
CA ALA A 113 -12.10 -24.80 12.77
C ALA A 113 -12.68 -23.99 11.62
N LYS A 114 -13.99 -23.79 11.64
CA LYS A 114 -14.68 -23.02 10.60
C LYS A 114 -15.57 -21.94 11.22
N LYS A 115 -15.60 -21.91 12.55
CA LYS A 115 -16.25 -20.85 13.30
C LYS A 115 -15.45 -20.59 14.58
N TRP A 116 -15.16 -19.33 14.87
CA TRP A 116 -14.39 -19.01 16.07
C TRP A 116 -15.15 -19.48 17.29
N SER A 117 -16.47 -19.37 17.21
CA SER A 117 -17.34 -19.76 18.32
C SER A 117 -17.27 -21.26 18.63
N ARG A 118 -16.45 -22.00 17.90
CA ARG A 118 -16.36 -23.45 18.06
C ARG A 118 -14.94 -23.92 18.38
N VAL A 119 -14.10 -23.04 18.89
CA VAL A 119 -12.74 -23.43 19.24
C VAL A 119 -12.69 -24.05 20.64
N PRO A 120 -11.86 -25.09 20.81
CA PRO A 120 -11.78 -25.83 22.08
C PRO A 120 -11.19 -25.02 23.24
N PHE A 121 -11.52 -23.72 23.29
CA PHE A 121 -11.10 -22.86 24.40
C PHE A 121 -11.92 -21.59 24.37
N SER A 122 -11.84 -20.81 25.44
CA SER A 122 -12.60 -19.57 25.53
C SER A 122 -11.72 -18.35 25.27
N VAL A 123 -12.25 -17.41 24.50
CA VAL A 123 -11.52 -16.21 24.16
C VAL A 123 -12.12 -14.99 24.82
N PRO A 124 -11.40 -14.38 25.77
CA PRO A 124 -11.80 -13.20 26.54
C PRO A 124 -12.08 -12.01 25.63
N ASP A 125 -13.02 -11.16 26.01
CA ASP A 125 -13.24 -9.92 25.29
C ASP A 125 -12.00 -9.02 25.38
N PHE A 126 -11.79 -8.24 24.32
CA PHE A 126 -10.65 -7.32 24.21
C PHE A 126 -10.88 -6.10 25.10
N ASP A 127 -9.89 -5.77 25.94
CA ASP A 127 -9.98 -4.62 26.85
C ASP A 127 -9.18 -3.40 26.35
N PHE A 128 -9.85 -2.51 25.62
CA PHE A 128 -9.20 -1.34 25.06
C PHE A 128 -8.48 -0.46 26.08
N LEU A 129 -9.18 -0.07 27.15
CA LEU A 129 -8.56 0.75 28.18
C LEU A 129 -7.27 0.15 28.67
N GLN A 130 -7.32 -1.13 29.03
CA GLN A 130 -6.17 -1.79 29.60
C GLN A 130 -5.06 -1.95 28.58
N HIS A 131 -5.45 -2.00 27.30
CA HIS A 131 -4.48 -2.07 26.22
C HIS A 131 -3.57 -0.85 26.21
N CYS A 132 -4.03 0.25 26.82
CA CYS A 132 -3.16 1.36 27.18
C CYS A 132 -2.20 0.99 28.33
N ALA A 133 -1.56 -0.16 28.19
CA ALA A 133 -0.36 -0.52 28.94
C ALA A 133 0.72 -0.33 27.90
N GLU A 134 0.29 0.23 26.78
CA GLU A 134 1.12 0.34 25.58
C GLU A 134 1.15 1.78 25.11
N ASN A 135 1.01 2.72 26.03
CA ASN A 135 0.82 4.11 25.65
C ASN A 135 2.05 4.76 25.01
N LEU A 136 3.20 4.61 25.66
CA LEU A 136 4.45 5.19 25.15
C LEU A 136 4.62 5.05 23.63
N SER A 137 4.36 3.84 23.12
CA SER A 137 4.36 3.61 21.68
C SER A 137 2.96 3.86 21.08
N ASP A 138 2.91 4.11 19.78
CA ASP A 138 1.66 4.45 19.12
C ASP A 138 0.81 5.40 19.95
N ARG B 8 6.52 11.55 -24.72
CA ARG B 8 6.89 11.04 -26.03
C ARG B 8 8.41 11.07 -26.17
N GLN B 9 9.07 11.58 -25.13
CA GLN B 9 10.53 11.72 -25.17
C GLN B 9 11.23 10.36 -24.98
N GLN B 10 12.35 10.19 -25.66
CA GLN B 10 13.12 8.96 -25.53
C GLN B 10 14.31 9.19 -24.61
N PHE B 11 14.51 8.24 -23.71
CA PHE B 11 15.66 8.21 -22.86
C PHE B 11 16.31 6.87 -23.08
N PRO B 12 17.65 6.81 -22.97
CA PRO B 12 18.25 5.49 -22.82
C PRO B 12 17.51 4.81 -21.69
N VAL B 13 17.15 3.55 -21.86
CA VAL B 13 16.37 2.83 -20.87
C VAL B 13 17.19 2.75 -19.59
N GLU B 14 18.49 2.96 -19.74
CA GLU B 14 19.42 2.91 -18.63
C GLU B 14 19.26 4.16 -17.77
N HIS B 15 18.55 5.16 -18.29
CA HIS B 15 18.37 6.43 -17.61
C HIS B 15 17.01 6.48 -16.90
N VAL B 16 16.31 5.35 -16.92
CA VAL B 16 15.02 5.22 -16.23
C VAL B 16 15.09 4.24 -15.03
N GLN B 17 14.86 4.74 -13.83
CA GLN B 17 14.81 3.86 -12.67
C GLN B 17 13.37 3.69 -12.20
N LEU B 18 13.13 2.62 -11.45
CA LEU B 18 11.80 2.32 -11.00
C LEU B 18 11.65 2.62 -9.51
N LEU B 19 10.59 3.36 -9.17
CA LEU B 19 10.25 3.64 -7.78
C LEU B 19 8.85 3.17 -7.49
N CYS B 20 8.55 2.89 -6.23
CA CYS B 20 7.20 2.57 -5.80
C CYS B 20 6.36 3.84 -5.81
N ILE B 21 5.17 3.81 -6.45
CA ILE B 21 4.34 5.02 -6.54
C ILE B 21 3.98 5.51 -5.17
N ASN B 22 3.82 4.58 -4.24
CA ASN B 22 3.43 4.96 -2.90
C ASN B 22 4.54 5.59 -2.10
N CYS B 23 5.63 4.87 -1.83
CA CYS B 23 6.66 5.39 -0.94
C CYS B 23 7.90 5.95 -1.65
N MET B 24 8.00 5.75 -2.96
CA MET B 24 9.10 6.27 -3.77
C MET B 24 10.46 5.63 -3.46
N VAL B 25 10.45 4.53 -2.72
CA VAL B 25 11.65 3.74 -2.55
C VAL B 25 12.15 3.27 -3.93
N ALA B 26 13.44 3.38 -4.18
CA ALA B 26 14.00 2.93 -5.46
C ALA B 26 14.08 1.39 -5.51
N VAL B 27 13.42 0.79 -6.50
CA VAL B 27 13.23 -0.66 -6.47
C VAL B 27 13.79 -1.40 -7.68
N GLY B 28 14.18 -0.68 -8.72
CA GLY B 28 14.71 -1.35 -9.89
C GLY B 28 15.00 -0.47 -11.07
N HIS B 29 15.11 -1.11 -12.24
CA HIS B 29 15.53 -0.44 -13.46
C HIS B 29 14.62 -0.73 -14.64
N GLY B 30 14.38 0.31 -15.43
CA GLY B 30 13.59 0.18 -16.65
C GLY B 30 14.27 -0.77 -17.60
N SER B 31 15.58 -0.91 -17.47
CA SER B 31 16.33 -1.82 -18.31
C SER B 31 16.02 -3.29 -17.98
N ASP B 32 15.36 -3.53 -16.85
CA ASP B 32 15.07 -4.89 -16.40
C ASP B 32 13.67 -5.36 -16.82
N LEU B 33 12.87 -4.46 -17.36
CA LEU B 33 11.52 -4.82 -17.76
C LEU B 33 11.55 -5.57 -19.08
N ARG B 34 10.63 -6.52 -19.25
CA ARG B 34 10.48 -7.24 -20.50
C ARG B 34 9.01 -7.35 -20.81
N LYS B 35 8.69 -7.64 -22.06
CA LYS B 35 7.30 -7.73 -22.48
C LYS B 35 6.97 -9.17 -22.82
N VAL B 36 6.10 -9.79 -22.04
CA VAL B 36 5.73 -11.19 -22.31
C VAL B 36 4.50 -11.29 -23.18
N GLU B 37 4.58 -12.15 -24.20
CA GLU B 37 3.56 -12.26 -25.23
C GLU B 37 2.96 -10.90 -25.61
N GLY B 38 3.83 -9.91 -25.76
CA GLY B 38 3.42 -8.59 -26.21
C GLY B 38 2.61 -7.80 -25.21
N THR B 39 1.96 -8.49 -24.27
CA THR B 39 1.12 -7.84 -23.28
C THR B 39 1.83 -7.62 -21.95
N HIS B 40 1.85 -8.65 -21.11
CA HIS B 40 2.27 -8.56 -19.72
C HIS B 40 3.69 -8.05 -19.53
N HIS B 41 3.88 -7.15 -18.58
CA HIS B 41 5.20 -6.61 -18.31
C HIS B 41 5.80 -7.18 -17.05
N VAL B 42 6.99 -7.74 -17.20
CA VAL B 42 7.65 -8.42 -16.11
C VAL B 42 9.03 -7.82 -15.87
N ASN B 43 9.48 -7.86 -14.62
CA ASN B 43 10.85 -7.52 -14.31
C ASN B 43 11.64 -8.84 -14.24
N VAL B 44 12.69 -8.94 -15.03
CA VAL B 44 13.41 -10.21 -15.16
C VAL B 44 14.72 -10.24 -14.38
N ASN B 45 14.86 -9.32 -13.43
CA ASN B 45 16.03 -9.28 -12.56
C ASN B 45 15.77 -10.06 -11.27
N PRO B 46 16.63 -11.03 -10.95
CA PRO B 46 16.32 -11.83 -9.76
C PRO B 46 16.48 -11.05 -8.45
N ASN B 47 17.14 -9.90 -8.50
CA ASN B 47 17.26 -9.02 -7.33
C ASN B 47 15.95 -8.32 -6.99
N PHE B 48 15.08 -8.19 -7.99
CA PHE B 48 13.81 -7.52 -7.80
C PHE B 48 13.04 -8.11 -6.61
N SER B 49 13.08 -9.43 -6.45
CA SER B 49 12.35 -10.07 -5.34
C SER B 49 12.79 -9.56 -3.97
N ASN B 50 13.91 -8.84 -3.94
CA ASN B 50 14.36 -8.25 -2.70
C ASN B 50 13.49 -7.09 -2.27
N TYR B 51 12.63 -6.63 -3.18
CA TYR B 51 11.83 -5.43 -2.94
C TYR B 51 10.35 -5.68 -2.75
N TYR B 52 9.91 -6.91 -2.91
CA TYR B 52 8.50 -7.20 -2.73
C TYR B 52 8.22 -8.45 -1.89
N ASN B 53 7.00 -8.50 -1.36
CA ASN B 53 6.50 -9.70 -0.67
C ASN B 53 5.42 -10.33 -1.53
N VAL B 54 5.31 -11.65 -1.50
CA VAL B 54 4.24 -12.31 -2.24
C VAL B 54 3.18 -12.82 -1.27
N SER B 55 1.92 -12.69 -1.68
CA SER B 55 0.84 -13.21 -0.86
C SER B 55 -0.17 -13.87 -1.77
N ARG B 56 -0.90 -14.84 -1.22
CA ARG B 56 -1.91 -15.56 -1.99
C ARG B 56 -3.25 -14.84 -1.93
N ASP B 57 -3.18 -13.53 -1.69
CA ASP B 57 -4.37 -12.67 -1.62
C ASP B 57 -5.41 -13.08 -2.64
N TRP B 68 0.62 -19.07 -18.45
CA TRP B 68 0.41 -18.01 -17.46
C TRP B 68 -0.47 -18.45 -16.29
N LYS B 69 0.15 -19.10 -15.30
CA LYS B 69 -0.56 -19.55 -14.12
C LYS B 69 -0.36 -18.54 -12.98
N PRO B 70 -1.45 -17.90 -12.52
CA PRO B 70 -1.43 -17.05 -11.32
C PRO B 70 -0.74 -17.73 -10.14
N GLY B 71 -0.05 -16.95 -9.33
CA GLY B 71 0.73 -17.50 -8.23
C GLY B 71 0.64 -16.69 -6.95
N GLY B 72 0.48 -15.38 -7.06
CA GLY B 72 0.36 -14.54 -5.89
C GLY B 72 0.34 -13.05 -6.19
N VAL B 73 0.13 -12.24 -5.17
CA VAL B 73 0.15 -10.81 -5.35
C VAL B 73 1.47 -10.22 -4.86
N ILE B 74 1.99 -9.29 -5.62
CA ILE B 74 3.30 -8.68 -5.43
C ILE B 74 3.06 -7.35 -4.74
N SER B 75 3.76 -7.07 -3.66
CA SER B 75 3.57 -5.79 -2.98
C SER B 75 4.85 -5.25 -2.38
N CYS B 76 4.92 -3.93 -2.25
CA CYS B 76 6.13 -3.29 -1.76
C CYS B 76 6.51 -3.73 -0.36
N ARG B 77 7.72 -4.23 -0.18
CA ARG B 77 8.17 -4.59 1.16
C ARG B 77 8.20 -3.38 2.09
N ASN B 78 8.58 -2.23 1.55
CA ASN B 78 8.77 -1.05 2.38
C ASN B 78 7.45 -0.56 2.96
N CYS B 79 6.42 -0.47 2.12
CA CYS B 79 5.18 0.17 2.51
C CYS B 79 3.91 -0.64 2.22
N GLY B 80 4.07 -1.78 1.56
CA GLY B 80 2.96 -2.69 1.31
C GLY B 80 2.06 -2.35 0.14
N GLU B 81 2.48 -1.40 -0.68
CA GLU B 81 1.77 -1.08 -1.92
C GLU B 81 1.77 -2.25 -2.92
N VAL B 82 0.59 -2.60 -3.40
CA VAL B 82 0.45 -3.66 -4.37
C VAL B 82 0.98 -3.23 -5.74
N TRP B 83 1.76 -4.08 -6.40
CA TRP B 83 2.38 -3.77 -7.67
C TRP B 83 1.89 -4.66 -8.81
N GLY B 84 1.34 -5.82 -8.48
CA GLY B 84 0.92 -6.75 -9.51
C GLY B 84 0.87 -8.20 -9.05
N LEU B 85 1.11 -9.12 -9.97
CA LEU B 85 1.01 -10.53 -9.68
C LEU B 85 2.34 -11.21 -9.87
N GLN B 86 2.51 -12.33 -9.17
CA GLN B 86 3.56 -13.25 -9.49
C GLN B 86 2.90 -14.33 -10.31
N MET B 87 3.11 -14.28 -11.62
CA MET B 87 2.50 -15.26 -12.51
C MET B 87 3.56 -16.23 -13.03
N ILE B 88 3.19 -17.50 -13.12
CA ILE B 88 4.12 -18.54 -13.55
C ILE B 88 3.95 -18.84 -15.04
N TYR B 89 5.06 -18.85 -15.77
CA TYR B 89 5.02 -18.94 -17.21
C TYR B 89 6.22 -19.76 -17.69
N LYS B 90 5.92 -20.81 -18.46
CA LYS B 90 6.93 -21.80 -18.82
C LYS B 90 7.74 -22.22 -17.61
N SER B 91 7.07 -22.44 -16.49
CA SER B 91 7.73 -22.92 -15.26
C SER B 91 8.58 -21.83 -14.60
N VAL B 92 8.41 -20.59 -15.05
CA VAL B 92 9.16 -19.48 -14.49
C VAL B 92 8.26 -18.54 -13.70
N LYS B 93 8.62 -18.30 -12.45
CA LYS B 93 7.95 -17.30 -11.64
C LYS B 93 8.43 -15.91 -12.02
N LEU B 94 7.53 -15.14 -12.61
CA LEU B 94 7.84 -13.80 -13.05
C LEU B 94 6.89 -12.78 -12.44
N PRO B 95 7.44 -11.65 -11.96
CA PRO B 95 6.62 -10.57 -11.43
C PRO B 95 5.97 -9.73 -12.54
N VAL B 96 4.65 -9.66 -12.54
CA VAL B 96 3.92 -8.91 -13.55
C VAL B 96 3.44 -7.58 -12.97
N LEU B 97 3.92 -6.47 -13.54
CA LEU B 97 3.69 -5.16 -12.96
C LEU B 97 2.58 -4.36 -13.64
N LYS B 98 1.74 -3.72 -12.82
CA LYS B 98 0.79 -2.72 -13.28
C LYS B 98 1.54 -1.43 -13.59
N VAL B 99 1.20 -0.76 -14.69
CA VAL B 99 1.87 0.48 -15.09
C VAL B 99 1.92 1.50 -13.98
N ARG B 100 0.78 1.72 -13.32
CA ARG B 100 0.65 2.75 -12.32
C ARG B 100 1.39 2.46 -11.02
N SER B 101 1.86 1.23 -10.86
CA SER B 101 2.50 0.84 -9.61
C SER B 101 3.95 1.32 -9.59
N MET B 102 4.47 1.63 -10.77
CA MET B 102 5.84 2.08 -10.87
C MET B 102 5.90 3.57 -11.23
N LEU B 103 6.42 4.37 -10.30
CA LEU B 103 6.81 5.73 -10.59
C LEU B 103 8.13 5.68 -11.38
N LEU B 104 8.18 6.35 -12.53
CA LEU B 104 9.38 6.31 -13.37
C LEU B 104 10.27 7.52 -13.14
N GLU B 105 11.51 7.27 -12.75
CA GLU B 105 12.47 8.33 -12.49
C GLU B 105 13.30 8.61 -13.72
N THR B 106 12.83 9.56 -14.54
CA THR B 106 13.47 9.89 -15.80
C THR B 106 14.32 11.16 -15.71
N PRO B 107 15.13 11.43 -16.74
CA PRO B 107 15.90 12.68 -16.72
C PRO B 107 14.99 13.90 -16.66
N GLN B 108 13.74 13.74 -17.09
CA GLN B 108 12.75 14.80 -17.07
C GLN B 108 11.87 14.78 -15.83
N GLY B 109 12.33 14.09 -14.79
CA GLY B 109 11.58 13.98 -13.55
C GLY B 109 10.73 12.71 -13.46
N ARG B 110 10.05 12.56 -12.33
CA ARG B 110 9.19 11.42 -12.07
C ARG B 110 7.94 11.46 -12.93
N ILE B 111 7.53 10.32 -13.47
CA ILE B 111 6.32 10.26 -14.28
C ILE B 111 5.62 8.92 -14.15
N GLN B 112 4.31 8.98 -13.93
CA GLN B 112 3.50 7.78 -13.80
C GLN B 112 2.78 7.55 -15.12
N ALA B 113 3.21 6.54 -15.88
CA ALA B 113 2.56 6.23 -17.15
C ALA B 113 1.19 5.58 -16.94
N LYS B 114 0.24 5.92 -17.80
CA LYS B 114 -1.13 5.45 -17.66
C LYS B 114 -1.32 4.15 -18.44
N LYS B 115 -0.31 3.79 -19.22
CA LYS B 115 -0.33 2.58 -20.02
C LYS B 115 1.09 2.15 -20.37
N TRP B 116 1.38 0.87 -20.26
CA TRP B 116 2.74 0.37 -20.48
C TRP B 116 3.33 0.77 -21.82
N SER B 117 2.46 1.09 -22.78
CA SER B 117 2.90 1.42 -24.12
C SER B 117 3.21 2.92 -24.24
N ARG B 118 2.82 3.68 -23.23
CA ARG B 118 3.04 5.11 -23.23
C ARG B 118 4.39 5.50 -22.61
N VAL B 119 5.13 4.49 -22.13
CA VAL B 119 6.39 4.76 -21.43
C VAL B 119 7.46 5.36 -22.35
N PRO B 120 8.28 6.26 -21.80
CA PRO B 120 9.28 7.03 -22.55
C PRO B 120 10.49 6.18 -22.94
N PHE B 121 10.29 4.89 -23.16
CA PHE B 121 11.39 4.02 -23.55
C PHE B 121 10.92 2.69 -24.13
N SER B 122 11.87 1.93 -24.68
CA SER B 122 11.51 0.70 -25.36
C SER B 122 11.71 -0.52 -24.47
N VAL B 123 10.65 -1.29 -24.29
CA VAL B 123 10.70 -2.53 -23.54
C VAL B 123 10.89 -3.69 -24.50
N PRO B 124 12.09 -4.31 -24.48
CA PRO B 124 12.34 -5.49 -25.31
C PRO B 124 11.35 -6.61 -25.03
N ASP B 125 11.16 -7.50 -25.99
CA ASP B 125 10.37 -8.71 -25.76
C ASP B 125 11.07 -9.67 -24.82
N PHE B 126 10.28 -10.37 -24.03
CA PHE B 126 10.80 -11.42 -23.17
C PHE B 126 11.20 -12.60 -24.03
N ASP B 127 12.41 -13.08 -23.81
CA ASP B 127 12.97 -14.17 -24.59
C ASP B 127 13.28 -15.34 -23.68
N PHE B 128 12.36 -16.30 -23.62
CA PHE B 128 12.51 -17.39 -22.65
C PHE B 128 13.88 -18.04 -22.63
N LEU B 129 14.44 -18.31 -23.80
CA LEU B 129 15.74 -18.96 -23.89
C LEU B 129 16.80 -18.18 -23.13
N GLN B 130 16.85 -16.87 -23.35
CA GLN B 130 17.90 -16.06 -22.75
C GLN B 130 17.70 -15.91 -21.24
N HIS B 131 16.44 -15.81 -20.82
CA HIS B 131 16.13 -15.76 -19.42
C HIS B 131 16.70 -16.99 -18.74
N CYS B 132 16.38 -18.15 -19.30
CA CYS B 132 16.90 -19.42 -18.82
C CYS B 132 18.43 -19.44 -18.73
N ALA B 133 19.08 -18.96 -19.79
CA ALA B 133 20.53 -19.00 -19.87
C ALA B 133 21.17 -18.19 -18.75
N GLU B 134 20.50 -17.09 -18.37
CA GLU B 134 21.04 -16.21 -17.36
C GLU B 134 20.71 -16.68 -15.95
N ASN B 135 19.69 -17.53 -15.83
CA ASN B 135 19.16 -17.85 -14.52
C ASN B 135 19.06 -19.31 -14.15
N LEU B 136 19.70 -20.19 -14.92
CA LEU B 136 19.45 -21.61 -14.73
C LEU B 136 19.99 -22.21 -13.43
N SER B 137 21.24 -21.94 -13.08
CA SER B 137 21.83 -22.63 -11.94
C SER B 137 21.16 -22.27 -10.62
N ASP B 138 20.63 -21.05 -10.54
CA ASP B 138 19.85 -20.65 -9.38
C ASP B 138 18.42 -21.18 -9.42
N LEU B 139 17.82 -21.20 -10.61
CA LEU B 139 16.47 -21.71 -10.79
C LEU B 139 16.39 -23.24 -10.88
N SER B 140 17.54 -23.88 -11.06
CA SER B 140 17.54 -25.33 -11.28
C SER B 140 17.11 -26.09 -10.04
N LEU B 141 16.18 -27.03 -10.23
CA LEU B 141 15.81 -27.96 -9.17
C LEU B 141 16.91 -29.02 -9.01
N ASP B 142 17.37 -29.22 -7.77
CA ASP B 142 18.45 -30.16 -7.49
C ASP B 142 19.58 -30.09 -8.51
N GLN C 7 23.72 3.15 27.72
CA GLN C 7 25.14 2.80 27.67
C GLN C 7 25.46 2.06 26.38
N ARG C 8 24.54 2.13 25.43
CA ARG C 8 24.71 1.56 24.10
C ARG C 8 25.98 2.08 23.46
N GLN C 9 26.37 1.48 22.35
CA GLN C 9 27.57 1.89 21.66
C GLN C 9 27.41 3.23 20.93
N GLN C 10 28.35 4.14 21.17
CA GLN C 10 28.36 5.42 20.50
C GLN C 10 29.36 5.39 19.35
N PHE C 11 28.89 5.73 18.15
CA PHE C 11 29.73 5.68 16.96
C PHE C 11 30.35 7.03 16.67
N PRO C 12 31.46 7.04 15.92
CA PRO C 12 31.90 8.31 15.35
C PRO C 12 30.84 8.86 14.42
N VAL C 13 30.65 10.17 14.45
CA VAL C 13 29.60 10.80 13.66
C VAL C 13 29.80 10.51 12.18
N GLU C 14 31.05 10.36 11.76
CA GLU C 14 31.37 10.12 10.36
C GLU C 14 30.90 8.77 9.85
N HIS C 15 30.55 7.87 10.77
CA HIS C 15 30.04 6.55 10.41
C HIS C 15 28.52 6.48 10.52
N VAL C 16 27.87 7.62 10.63
CA VAL C 16 26.43 7.64 10.72
C VAL C 16 25.83 8.45 9.58
N GLN C 17 25.03 7.79 8.76
CA GLN C 17 24.44 8.47 7.62
C GLN C 17 22.94 8.64 7.84
N LEU C 18 22.36 9.62 7.16
CA LEU C 18 20.98 9.98 7.36
C LEU C 18 20.13 9.53 6.18
N LEU C 19 19.12 8.72 6.45
CA LEU C 19 18.16 8.33 5.43
C LEU C 19 16.78 8.86 5.78
N CYS C 20 15.95 9.10 4.77
CA CYS C 20 14.55 9.40 5.00
C CYS C 20 13.78 8.15 5.43
N ILE C 21 13.10 8.16 6.58
CA ILE C 21 12.42 6.94 7.03
C ILE C 21 11.44 6.41 6.02
N ASN C 22 10.89 7.29 5.21
CA ASN C 22 9.80 6.86 4.34
C ASN C 22 10.27 6.18 3.06
N CYS C 23 11.08 6.89 2.28
CA CYS C 23 11.57 6.36 0.99
C CYS C 23 12.96 5.75 1.15
N MET C 24 13.62 6.06 2.25
CA MET C 24 14.93 5.48 2.56
C MET C 24 16.07 5.96 1.69
N VAL C 25 15.91 7.09 0.99
CA VAL C 25 17.00 7.61 0.18
C VAL C 25 18.03 8.32 1.06
N ALA C 26 19.31 8.24 0.67
CA ALA C 26 20.39 8.81 1.46
C ALA C 26 20.41 10.31 1.29
N VAL C 27 20.33 11.06 2.39
CA VAL C 27 20.10 12.50 2.28
C VAL C 27 21.11 13.37 3.03
N GLY C 28 21.94 12.77 3.86
CA GLY C 28 22.89 13.55 4.61
C GLY C 28 23.76 12.74 5.54
N HIS C 29 24.49 13.45 6.39
CA HIS C 29 25.48 12.85 7.26
C HIS C 29 25.28 13.23 8.71
N GLY C 30 25.45 12.25 9.59
CA GLY C 30 25.34 12.50 11.01
C GLY C 30 26.27 13.59 11.45
N SER C 31 27.41 13.70 10.77
CA SER C 31 28.42 14.69 11.13
C SER C 31 27.98 16.13 10.82
N ASP C 32 26.86 16.29 10.13
CA ASP C 32 26.36 17.61 9.78
C ASP C 32 25.27 18.12 10.73
N LEU C 33 24.88 17.31 11.71
CA LEU C 33 23.89 17.71 12.69
C LEU C 33 24.51 18.60 13.77
N ARG C 34 23.79 19.65 14.17
CA ARG C 34 24.21 20.55 15.24
C ARG C 34 23.05 20.77 16.16
N LYS C 35 23.36 21.09 17.40
CA LYS C 35 22.33 21.26 18.41
C LYS C 35 22.13 22.75 18.64
N VAL C 36 20.89 23.20 18.43
CA VAL C 36 20.51 24.60 18.60
C VAL C 36 19.54 24.75 19.77
N GLU C 37 19.84 25.65 20.69
CA GLU C 37 18.97 25.83 21.85
C GLU C 37 18.72 24.51 22.59
N GLY C 38 19.80 23.77 22.85
CA GLY C 38 19.72 22.56 23.65
C GLY C 38 19.07 21.35 22.99
N THR C 39 17.91 21.52 22.33
CA THR C 39 17.18 20.38 21.78
C THR C 39 16.97 20.36 20.28
N HIS C 40 16.98 21.52 19.64
CA HIS C 40 16.69 21.59 18.22
C HIS C 40 17.86 21.18 17.36
N HIS C 41 17.69 20.07 16.65
CA HIS C 41 18.74 19.54 15.81
C HIS C 41 18.57 20.02 14.38
N VAL C 42 19.60 20.68 13.87
CA VAL C 42 19.58 21.20 12.52
C VAL C 42 20.70 20.57 11.69
N ASN C 43 20.56 20.60 10.37
CA ASN C 43 21.63 20.11 9.50
C ASN C 43 22.27 21.32 8.83
N VAL C 44 23.58 21.47 9.00
CA VAL C 44 24.29 22.69 8.59
C VAL C 44 25.08 22.58 7.28
N ASN C 45 25.02 21.44 6.64
CA ASN C 45 25.64 21.28 5.33
C ASN C 45 24.85 22.08 4.33
N PRO C 46 25.50 23.01 3.63
CA PRO C 46 24.80 23.76 2.57
C PRO C 46 24.15 22.84 1.53
N ASN C 47 24.74 21.68 1.26
CA ASN C 47 24.19 20.72 0.29
C ASN C 47 22.94 19.97 0.70
N PHE C 48 22.57 20.03 1.98
CA PHE C 48 21.37 19.35 2.45
C PHE C 48 20.14 19.91 1.74
N SER C 49 20.27 21.11 1.19
CA SER C 49 19.15 21.78 0.55
C SER C 49 18.65 20.98 -0.65
N ASN C 50 19.57 20.28 -1.31
CA ASN C 50 19.25 19.47 -2.49
C ASN C 50 18.33 18.29 -2.22
N TYR C 51 17.99 18.05 -0.95
CA TYR C 51 17.17 16.89 -0.61
C TYR C 51 15.79 17.25 -0.06
N TYR C 52 15.53 18.51 0.22
CA TYR C 52 14.24 18.89 0.76
C TYR C 52 13.64 20.09 0.06
N ASN C 53 12.32 20.22 0.18
CA ASN C 53 11.61 21.42 -0.21
C ASN C 53 11.18 22.19 1.03
N VAL C 54 10.89 23.47 0.84
CA VAL C 54 10.36 24.29 1.91
C VAL C 54 8.96 24.70 1.53
N SER C 55 8.05 24.68 2.50
CA SER C 55 6.66 25.04 2.25
C SER C 55 6.50 26.55 2.16
N ARG C 56 5.33 27.04 2.52
CA ARG C 56 5.07 28.47 2.61
C ARG C 56 4.14 28.70 3.80
N ASP C 57 4.73 29.07 4.93
CA ASP C 57 3.99 29.23 6.18
C ASP C 57 4.94 29.55 7.34
N VAL C 64 7.82 27.22 21.06
CA VAL C 64 8.51 27.78 19.91
C VAL C 64 9.98 28.06 20.24
N PHE C 65 10.78 28.28 19.20
CA PHE C 65 12.19 28.62 19.40
C PHE C 65 12.30 29.94 20.13
N LYS C 66 13.25 30.03 21.05
CA LYS C 66 13.38 31.26 21.83
C LYS C 66 14.07 32.38 21.04
N ASP C 67 15.05 32.05 20.21
CA ASP C 67 15.83 33.08 19.53
C ASP C 67 15.69 33.04 18.01
N TRP C 68 14.91 32.10 17.50
CA TRP C 68 14.78 31.91 16.07
C TRP C 68 13.33 31.96 15.65
N LYS C 69 13.08 32.38 14.41
CA LYS C 69 11.71 32.45 13.94
C LYS C 69 11.39 31.30 12.99
N PRO C 70 10.34 30.54 13.32
CA PRO C 70 9.83 29.45 12.49
C PRO C 70 9.61 29.91 11.06
N GLY C 71 9.63 28.97 10.13
CA GLY C 71 9.44 29.25 8.71
C GLY C 71 8.71 28.11 8.03
N GLY C 72 9.11 27.82 6.79
CA GLY C 72 8.47 26.78 6.02
C GLY C 72 8.61 25.37 6.57
N VAL C 73 7.64 24.52 6.25
CA VAL C 73 7.75 23.10 6.53
C VAL C 73 8.82 22.48 5.65
N ILE C 74 9.59 21.55 6.22
CA ILE C 74 10.64 20.83 5.50
C ILE C 74 10.15 19.43 5.09
N SER C 75 10.29 19.10 3.82
CA SER C 75 9.84 17.81 3.35
C SER C 75 10.80 17.20 2.34
N CYS C 76 10.86 15.88 2.33
CA CYS C 76 11.77 15.14 1.47
C CYS C 76 11.46 15.47 0.03
N ARG C 77 12.49 15.88 -0.71
CA ARG C 77 12.29 16.18 -2.12
C ARG C 77 11.92 14.90 -2.87
N ASN C 78 12.38 13.76 -2.37
CA ASN C 78 12.17 12.49 -3.04
C ASN C 78 10.74 11.97 -2.93
N CYS C 79 10.16 12.01 -1.74
CA CYS C 79 8.88 11.37 -1.49
C CYS C 79 7.90 12.21 -0.67
N GLY C 80 8.32 13.41 -0.29
CA GLY C 80 7.43 14.35 0.38
C GLY C 80 7.17 14.07 1.85
N GLU C 81 7.88 13.10 2.43
CA GLU C 81 7.82 12.91 3.85
C GLU C 81 8.18 14.24 4.52
N VAL C 82 7.53 14.55 5.64
CA VAL C 82 7.83 15.77 6.36
C VAL C 82 8.93 15.51 7.38
N TRP C 83 9.99 16.30 7.32
CA TRP C 83 11.14 16.16 8.21
C TRP C 83 11.10 17.14 9.39
N GLY C 84 10.54 18.33 9.15
CA GLY C 84 10.47 19.34 10.18
C GLY C 84 10.12 20.71 9.63
N LEU C 85 10.98 21.69 9.89
CA LEU C 85 10.68 23.05 9.52
C LEU C 85 11.94 23.86 9.44
N GLN C 86 11.84 25.00 8.77
CA GLN C 86 12.96 25.91 8.63
C GLN C 86 13.02 26.78 9.90
N MET C 87 14.22 27.25 10.22
CA MET C 87 14.45 27.98 11.45
C MET C 87 15.27 29.19 11.07
N ILE C 88 14.72 30.38 11.30
CA ILE C 88 15.30 31.57 10.71
C ILE C 88 15.71 32.63 11.72
N TYR C 89 16.87 33.24 11.46
CA TYR C 89 17.30 34.44 12.18
C TYR C 89 18.06 35.34 11.23
N LYS C 90 17.53 36.53 10.98
CA LYS C 90 18.17 37.45 10.07
C LYS C 90 18.38 36.79 8.72
N SER C 91 19.61 36.87 8.22
CA SER C 91 19.93 36.33 6.91
C SER C 91 20.09 34.80 6.90
N VAL C 92 20.24 34.19 8.07
CA VAL C 92 20.55 32.75 8.14
C VAL C 92 19.34 31.83 8.36
N LYS C 93 19.21 30.81 7.51
CA LYS C 93 18.17 29.80 7.65
C LYS C 93 18.76 28.43 7.97
N LEU C 94 18.14 27.70 8.88
CA LEU C 94 18.60 26.37 9.26
C LEU C 94 17.45 25.40 9.19
N PRO C 95 17.69 24.21 8.61
CA PRO C 95 16.66 23.17 8.54
C PRO C 95 16.63 22.38 9.84
N VAL C 96 15.49 22.32 10.52
CA VAL C 96 15.36 21.59 11.78
C VAL C 96 14.72 20.21 11.60
N LEU C 97 15.37 19.18 12.10
CA LEU C 97 14.94 17.80 11.86
C LEU C 97 14.26 17.15 13.05
N LYS C 98 13.18 16.44 12.77
CA LYS C 98 12.52 15.64 13.79
C LYS C 98 13.13 14.25 13.79
N VAL C 99 13.53 13.77 14.96
CA VAL C 99 14.30 12.53 15.04
C VAL C 99 13.58 11.40 14.32
N ARG C 100 12.26 11.42 14.35
CA ARG C 100 11.47 10.32 13.82
C ARG C 100 11.44 10.28 12.31
N SER C 101 11.79 11.40 11.68
CA SER C 101 11.79 11.48 10.24
C SER C 101 13.10 10.93 9.66
N MET C 102 14.09 10.72 10.51
CA MET C 102 15.41 10.31 10.03
C MET C 102 15.68 8.86 10.36
N LEU C 103 16.10 8.11 9.35
CA LEU C 103 16.55 6.75 9.57
C LEU C 103 18.06 6.75 9.61
N LEU C 104 18.61 6.26 10.71
CA LEU C 104 20.04 6.32 10.93
C LEU C 104 20.70 5.04 10.47
N GLU C 105 21.57 5.15 9.47
CA GLU C 105 22.36 4.02 9.05
C GLU C 105 23.68 4.03 9.79
N THR C 106 23.85 3.07 10.69
CA THR C 106 25.08 2.89 11.44
C THR C 106 25.80 1.65 10.92
N PRO C 107 27.06 1.46 11.32
CA PRO C 107 27.83 0.29 10.87
C PRO C 107 27.21 -1.03 11.33
N GLN C 108 26.31 -0.96 12.29
CA GLN C 108 25.62 -2.12 12.78
C GLN C 108 24.18 -2.12 12.31
N GLY C 109 23.87 -1.27 11.33
CA GLY C 109 22.57 -1.30 10.68
C GLY C 109 21.74 -0.06 10.80
N ARG C 110 20.51 -0.13 10.30
CA ARG C 110 19.63 1.03 10.21
C ARG C 110 18.69 1.13 11.41
N ILE C 111 18.88 2.18 12.22
CA ILE C 111 18.04 2.35 13.40
C ILE C 111 17.24 3.62 13.35
N GLN C 112 16.10 3.59 14.02
CA GLN C 112 15.30 4.76 14.21
C GLN C 112 15.22 5.04 15.70
N ALA C 113 15.43 6.30 16.10
CA ALA C 113 15.48 6.65 17.52
C ALA C 113 14.23 7.39 17.97
N LYS C 114 13.81 7.14 19.21
CA LYS C 114 12.59 7.75 19.72
C LYS C 114 12.84 9.19 20.18
N LYS C 115 14.06 9.48 20.64
CA LYS C 115 14.46 10.83 20.99
C LYS C 115 15.83 11.15 20.43
N TRP C 116 16.03 12.40 20.03
CA TRP C 116 17.34 12.85 19.58
C TRP C 116 18.43 12.51 20.58
N SER C 117 18.08 12.55 21.86
CA SER C 117 19.05 12.32 22.91
C SER C 117 19.47 10.86 22.94
N ARG C 118 18.72 10.00 22.29
CA ARG C 118 19.00 8.57 22.34
C ARG C 118 19.82 8.07 21.16
N VAL C 119 20.31 8.96 20.30
CA VAL C 119 21.00 8.50 19.09
C VAL C 119 22.44 8.03 19.39
N PRO C 120 22.89 6.95 18.74
CA PRO C 120 24.18 6.35 19.08
C PRO C 120 25.36 7.15 18.53
N PHE C 121 25.31 8.46 18.74
CA PHE C 121 26.41 9.35 18.42
C PHE C 121 26.17 10.69 19.08
N SER C 122 27.17 11.56 19.08
CA SER C 122 27.06 12.80 19.83
C SER C 122 26.97 14.03 18.94
N VAL C 123 25.80 14.66 18.92
CA VAL C 123 25.56 15.88 18.16
C VAL C 123 26.15 17.08 18.89
N PRO C 124 27.15 17.74 18.28
CA PRO C 124 27.81 18.87 18.93
C PRO C 124 26.94 20.15 18.87
N ASP C 125 27.39 21.23 19.47
CA ASP C 125 26.59 22.46 19.56
C ASP C 125 26.69 23.30 18.31
N PHE C 126 25.59 23.95 17.94
CA PHE C 126 25.64 24.93 16.89
C PHE C 126 26.49 26.13 17.34
N ASP C 127 27.36 26.59 16.45
CA ASP C 127 28.26 27.67 16.76
C ASP C 127 28.09 28.68 15.64
N PHE C 128 27.49 29.82 16.00
CA PHE C 128 27.13 30.83 15.03
C PHE C 128 28.34 31.32 14.25
N LEU C 129 29.44 31.47 14.97
CA LEU C 129 30.67 31.96 14.38
C LEU C 129 31.23 30.97 13.36
N GLN C 130 31.24 29.68 13.71
CA GLN C 130 31.70 28.63 12.81
C GLN C 130 30.87 28.60 11.54
N HIS C 131 29.55 28.65 11.71
CA HIS C 131 28.65 28.63 10.57
C HIS C 131 29.07 29.68 9.56
N CYS C 132 29.25 30.91 10.05
CA CYS C 132 29.69 32.02 9.22
C CYS C 132 31.02 31.70 8.54
N ALA C 133 32.03 31.36 9.33
CA ALA C 133 33.34 31.03 8.80
C ALA C 133 33.24 30.06 7.62
N GLU C 134 32.47 28.98 7.80
CA GLU C 134 32.45 27.92 6.80
C GLU C 134 31.55 28.24 5.61
N ASN C 135 30.61 29.16 5.78
CA ASN C 135 29.72 29.51 4.68
C ASN C 135 30.00 30.88 4.06
N LEU C 136 31.21 31.05 3.54
CA LEU C 136 31.61 32.25 2.78
C LEU C 136 33.06 32.16 2.31
N ARG D 8 -35.75 15.06 -5.17
CA ARG D 8 -37.07 14.58 -5.53
C ARG D 8 -37.27 14.67 -7.04
N GLN D 9 -36.52 15.54 -7.73
CA GLN D 9 -36.66 15.59 -9.18
C GLN D 9 -35.99 14.37 -9.80
N GLN D 10 -36.81 13.51 -10.39
CA GLN D 10 -36.30 12.32 -11.04
CA GLN D 10 -36.33 12.30 -11.05
C GLN D 10 -36.06 12.61 -12.52
N PHE D 11 -34.82 12.40 -12.94
CA PHE D 11 -34.40 12.62 -14.32
C PHE D 11 -34.54 11.36 -15.18
N PRO D 12 -34.70 11.53 -16.48
CA PRO D 12 -34.52 10.40 -17.41
C PRO D 12 -33.12 9.84 -17.23
N VAL D 13 -32.96 8.52 -17.19
CA VAL D 13 -31.62 7.92 -17.06
C VAL D 13 -30.70 8.40 -18.17
N GLU D 14 -31.25 8.65 -19.35
CA GLU D 14 -30.44 9.08 -20.49
C GLU D 14 -29.72 10.42 -20.29
N HIS D 15 -30.20 11.24 -19.36
CA HIS D 15 -29.61 12.54 -19.10
C HIS D 15 -28.75 12.52 -17.85
N VAL D 16 -28.26 11.35 -17.48
CA VAL D 16 -27.33 11.27 -16.36
C VAL D 16 -26.05 10.58 -16.80
N GLN D 17 -24.96 11.33 -16.81
CA GLN D 17 -23.68 10.78 -17.22
C GLN D 17 -22.87 10.51 -15.98
N LEU D 18 -21.90 9.62 -16.11
CA LEU D 18 -21.05 9.25 -14.99
C LEU D 18 -19.65 9.81 -15.20
N LEU D 19 -19.06 10.30 -14.13
CA LEU D 19 -17.74 10.90 -14.17
C LEU D 19 -16.95 10.41 -12.98
N CYS D 20 -15.65 10.20 -13.16
CA CYS D 20 -14.82 9.86 -12.01
C CYS D 20 -14.78 11.09 -11.10
N ILE D 21 -14.99 10.89 -9.81
CA ILE D 21 -14.98 12.00 -8.86
C ILE D 21 -13.75 12.91 -9.00
N ASN D 22 -12.64 12.35 -9.50
CA ASN D 22 -11.40 13.11 -9.62
C ASN D 22 -11.23 13.81 -10.96
N CYS D 23 -10.78 13.08 -11.97
CA CYS D 23 -10.45 13.70 -13.26
C CYS D 23 -11.67 14.23 -13.99
N MET D 24 -12.85 13.89 -13.50
CA MET D 24 -14.11 14.36 -14.07
C MET D 24 -14.31 13.89 -15.51
N VAL D 25 -13.59 12.87 -15.93
CA VAL D 25 -13.75 12.34 -17.29
C VAL D 25 -15.09 11.63 -17.44
N ALA D 26 -15.72 11.80 -18.60
CA ALA D 26 -17.00 11.18 -18.89
C ALA D 26 -16.80 9.69 -19.10
N VAL D 27 -16.90 8.93 -18.01
CA VAL D 27 -16.62 7.51 -18.02
C VAL D 27 -17.81 6.64 -18.44
N GLY D 28 -19.03 7.03 -18.05
CA GLY D 28 -20.18 6.18 -18.28
C GLY D 28 -21.52 6.88 -18.35
N HIS D 29 -22.57 6.05 -18.47
CA HIS D 29 -23.93 6.55 -18.62
C HIS D 29 -24.82 5.97 -17.55
N GLY D 30 -25.70 6.80 -16.99
CA GLY D 30 -26.58 6.35 -15.93
C GLY D 30 -27.56 5.30 -16.43
N SER D 31 -27.84 5.34 -17.73
CA SER D 31 -28.74 4.39 -18.35
C SER D 31 -28.16 2.96 -18.31
N ASP D 32 -26.86 2.86 -18.03
CA ASP D 32 -26.17 1.57 -18.02
C ASP D 32 -26.14 0.92 -16.65
N LEU D 33 -26.84 1.52 -15.68
CA LEU D 33 -26.85 0.98 -14.34
C LEU D 33 -27.99 -0.02 -14.12
N ARG D 34 -27.73 -1.04 -13.31
CA ARG D 34 -28.73 -2.04 -12.94
C ARG D 34 -28.58 -2.42 -11.48
N LYS D 35 -29.69 -2.82 -10.86
CA LYS D 35 -29.70 -3.29 -9.49
C LYS D 35 -29.50 -4.80 -9.49
N VAL D 36 -28.53 -5.27 -8.73
CA VAL D 36 -28.37 -6.70 -8.50
C VAL D 36 -28.48 -6.97 -7.00
N GLU D 37 -29.13 -8.07 -6.63
CA GLU D 37 -29.33 -8.36 -5.22
C GLU D 37 -29.74 -7.10 -4.48
N GLY D 38 -30.83 -6.48 -4.91
CA GLY D 38 -31.41 -5.34 -4.22
C GLY D 38 -30.61 -4.05 -4.24
N THR D 39 -29.41 -4.07 -3.66
CA THR D 39 -28.66 -2.85 -3.43
C THR D 39 -27.42 -2.68 -4.29
N HIS D 40 -27.04 -3.71 -5.05
CA HIS D 40 -25.77 -3.65 -5.76
C HIS D 40 -25.92 -3.07 -7.15
N HIS D 41 -25.23 -1.96 -7.38
CA HIS D 41 -25.41 -1.23 -8.62
C HIS D 41 -24.24 -1.46 -9.57
N VAL D 42 -24.51 -2.20 -10.63
CA VAL D 42 -23.48 -2.54 -11.60
C VAL D 42 -23.67 -1.77 -12.89
N ASN D 43 -22.57 -1.51 -13.58
CA ASN D 43 -22.65 -0.98 -14.92
C ASN D 43 -22.60 -2.12 -15.94
N VAL D 44 -23.66 -2.32 -16.71
CA VAL D 44 -23.72 -3.47 -17.60
C VAL D 44 -23.24 -3.17 -19.03
N ASN D 45 -22.76 -1.95 -19.26
CA ASN D 45 -22.25 -1.57 -20.57
C ASN D 45 -20.85 -2.13 -20.84
N PRO D 46 -20.69 -2.87 -21.95
CA PRO D 46 -19.40 -3.50 -22.26
C PRO D 46 -18.29 -2.47 -22.44
N ASN D 47 -18.57 -1.40 -23.16
CA ASN D 47 -17.60 -0.36 -23.42
C ASN D 47 -17.14 0.34 -22.14
N PHE D 48 -17.76 0.01 -21.02
CA PHE D 48 -17.37 0.62 -19.76
C PHE D 48 -15.93 0.25 -19.44
N SER D 49 -15.51 -0.92 -19.92
CA SER D 49 -14.14 -1.39 -19.70
C SER D 49 -13.13 -0.44 -20.36
N ASN D 50 -13.47 0.05 -21.54
CA ASN D 50 -12.64 1.05 -22.23
C ASN D 50 -12.23 2.19 -21.32
N TYR D 51 -12.92 2.32 -20.19
CA TYR D 51 -12.73 3.45 -19.28
C TYR D 51 -12.08 3.07 -17.95
N TYR D 52 -11.90 1.78 -17.70
CA TYR D 52 -11.32 1.37 -16.43
C TYR D 52 -10.28 0.27 -16.57
N ASN D 53 -9.52 0.08 -15.50
CA ASN D 53 -8.56 -1.00 -15.42
C ASN D 53 -8.98 -1.96 -14.33
N VAL D 54 -8.93 -3.25 -14.63
CA VAL D 54 -9.17 -4.26 -13.63
C VAL D 54 -7.82 -4.68 -13.07
N SER D 55 -7.69 -4.66 -11.75
CA SER D 55 -6.46 -5.14 -11.13
C SER D 55 -6.78 -6.28 -10.18
N ARG D 56 -6.25 -7.46 -10.52
CA ARG D 56 -6.45 -8.65 -9.72
C ARG D 56 -5.82 -8.49 -8.35
N ASP D 57 -6.55 -7.80 -7.48
CA ASP D 57 -6.05 -7.45 -6.15
C ASP D 57 -7.00 -7.93 -5.06
N PHE D 65 -21.33 -9.49 -0.92
CA PHE D 65 -22.41 -9.92 -1.81
C PHE D 65 -23.18 -11.07 -1.19
N LYS D 66 -23.82 -11.86 -2.04
CA LYS D 66 -24.53 -13.05 -1.62
C LYS D 66 -24.28 -14.18 -2.61
N ASP D 67 -24.82 -14.05 -3.81
CA ASP D 67 -24.73 -15.08 -4.83
C ASP D 67 -23.60 -14.86 -5.84
N TRP D 68 -22.82 -13.80 -5.63
CA TRP D 68 -21.73 -13.47 -6.56
C TRP D 68 -20.37 -13.47 -5.83
N LYS D 69 -19.29 -13.30 -6.59
CA LYS D 69 -17.96 -13.35 -5.97
C LYS D 69 -17.04 -12.24 -6.46
N PRO D 70 -16.35 -11.59 -5.50
CA PRO D 70 -15.43 -10.49 -5.77
C PRO D 70 -14.44 -10.83 -6.86
N GLY D 71 -14.03 -9.82 -7.62
CA GLY D 71 -13.09 -10.00 -8.71
C GLY D 71 -12.12 -8.84 -8.72
N GLY D 72 -11.61 -8.53 -9.91
CA GLY D 72 -10.66 -7.45 -10.06
C GLY D 72 -11.18 -6.13 -9.52
N VAL D 73 -10.32 -5.42 -8.81
CA VAL D 73 -10.63 -4.06 -8.38
C VAL D 73 -10.65 -3.14 -9.60
N ILE D 74 -11.70 -2.34 -9.72
CA ILE D 74 -11.84 -1.44 -10.86
C ILE D 74 -11.38 -0.02 -10.50
N SER D 75 -10.79 0.68 -11.48
CA SER D 75 -10.30 2.02 -11.26
C SER D 75 -10.16 2.75 -12.59
N CYS D 76 -10.20 4.07 -12.54
CA CYS D 76 -10.10 4.87 -13.76
CA CYS D 76 -10.09 4.91 -13.73
C CYS D 76 -8.70 4.81 -14.34
N ARG D 77 -8.65 4.64 -15.66
CA ARG D 77 -7.37 4.49 -16.34
C ARG D 77 -6.82 5.83 -16.82
N ASN D 78 -7.48 6.91 -16.42
CA ASN D 78 -6.97 8.25 -16.70
C ASN D 78 -6.26 8.84 -15.49
N CYS D 79 -6.91 8.78 -14.33
CA CYS D 79 -6.29 9.28 -13.11
C CYS D 79 -5.95 8.13 -12.16
N GLY D 80 -6.89 7.21 -11.95
CA GLY D 80 -6.61 6.06 -11.11
C GLY D 80 -7.42 5.97 -9.84
N GLU D 81 -8.46 6.79 -9.72
CA GLU D 81 -9.39 6.67 -8.60
C GLU D 81 -10.08 5.28 -8.62
N VAL D 82 -10.32 4.73 -7.43
CA VAL D 82 -10.92 3.40 -7.33
C VAL D 82 -12.43 3.49 -7.27
N TRP D 83 -13.09 2.90 -8.27
CA TRP D 83 -14.54 2.97 -8.40
C TRP D 83 -15.17 1.81 -7.67
N GLY D 84 -14.57 0.64 -7.78
CA GLY D 84 -15.11 -0.52 -7.12
C GLY D 84 -14.48 -1.84 -7.50
N LEU D 85 -15.34 -2.81 -7.79
CA LEU D 85 -15.00 -4.20 -7.68
C LEU D 85 -15.80 -5.01 -8.67
N GLN D 86 -15.29 -6.17 -9.06
CA GLN D 86 -16.06 -7.08 -9.91
C GLN D 86 -16.84 -8.06 -9.06
N MET D 87 -18.11 -8.25 -9.38
CA MET D 87 -18.86 -9.36 -8.80
C MET D 87 -19.03 -10.37 -9.93
N ILE D 88 -18.68 -11.62 -9.64
CA ILE D 88 -18.57 -12.62 -10.68
C ILE D 88 -19.45 -13.83 -10.41
N TYR D 89 -20.11 -14.31 -11.45
CA TYR D 89 -20.82 -15.56 -11.38
C TYR D 89 -20.39 -16.42 -12.57
N LYS D 90 -19.58 -17.43 -12.30
CA LYS D 90 -19.03 -18.26 -13.36
C LYS D 90 -18.32 -17.39 -14.40
N SER D 91 -18.82 -17.41 -15.63
CA SER D 91 -18.15 -16.66 -16.69
C SER D 91 -18.54 -15.19 -16.76
N VAL D 92 -19.60 -14.81 -16.03
CA VAL D 92 -20.10 -13.43 -16.14
C VAL D 92 -19.59 -12.49 -15.05
N LYS D 93 -18.93 -11.42 -15.49
CA LYS D 93 -18.33 -10.44 -14.59
C LYS D 93 -19.03 -9.10 -14.72
N LEU D 94 -19.32 -8.47 -13.59
CA LEU D 94 -20.01 -7.19 -13.59
C LEU D 94 -19.28 -6.18 -12.69
N PRO D 95 -19.05 -4.97 -13.22
CA PRO D 95 -18.36 -3.93 -12.44
C PRO D 95 -19.32 -3.24 -11.47
N VAL D 96 -19.23 -3.57 -10.18
CA VAL D 96 -20.04 -2.92 -9.17
C VAL D 96 -19.47 -1.57 -8.75
N LEU D 97 -20.32 -0.55 -8.70
CA LEU D 97 -19.83 0.81 -8.46
C LEU D 97 -20.14 1.34 -7.08
N LYS D 98 -19.13 2.00 -6.51
CA LYS D 98 -19.25 2.78 -5.28
C LYS D 98 -20.03 4.04 -5.63
N VAL D 99 -21.10 4.32 -4.89
CA VAL D 99 -21.86 5.52 -5.17
C VAL D 99 -20.97 6.75 -5.06
N ARG D 100 -20.18 6.79 -3.98
CA ARG D 100 -19.40 7.98 -3.66
C ARG D 100 -18.25 8.19 -4.65
N SER D 101 -17.97 7.18 -5.47
CA SER D 101 -16.88 7.28 -6.43
C SER D 101 -17.38 7.86 -7.74
N MET D 102 -18.68 8.01 -7.88
CA MET D 102 -19.24 8.54 -9.11
C MET D 102 -19.81 9.96 -8.94
N LEU D 103 -19.44 10.82 -9.86
CA LEU D 103 -19.97 12.18 -9.91
C LEU D 103 -21.11 12.23 -10.92
N LEU D 104 -22.33 12.37 -10.41
CA LEU D 104 -23.51 12.40 -11.26
C LEU D 104 -23.65 13.74 -11.98
N GLU D 105 -23.61 13.71 -13.30
CA GLU D 105 -23.73 14.92 -14.09
C GLU D 105 -25.08 14.98 -14.78
N THR D 106 -26.04 15.63 -14.13
CA THR D 106 -27.37 15.81 -14.68
C THR D 106 -27.41 17.05 -15.58
N PRO D 107 -28.55 17.29 -16.24
CA PRO D 107 -28.67 18.53 -17.05
C PRO D 107 -28.67 19.75 -16.15
N GLN D 108 -29.19 19.58 -14.93
CA GLN D 108 -29.14 20.62 -13.92
C GLN D 108 -27.67 20.95 -13.67
N GLY D 109 -26.87 19.88 -13.57
CA GLY D 109 -25.46 20.00 -13.29
C GLY D 109 -25.00 18.76 -12.52
N ARG D 110 -23.84 18.85 -11.91
CA ARG D 110 -23.24 17.71 -11.23
C ARG D 110 -23.52 17.64 -9.74
N ILE D 111 -23.83 16.44 -9.25
CA ILE D 111 -23.93 16.19 -7.81
C ILE D 111 -23.41 14.80 -7.47
N GLN D 112 -23.25 14.53 -6.18
CA GLN D 112 -22.87 13.20 -5.74
C GLN D 112 -23.82 12.81 -4.63
N ALA D 113 -23.95 11.50 -4.41
CA ALA D 113 -24.83 11.00 -3.35
C ALA D 113 -24.04 10.20 -2.33
N LYS D 114 -24.70 9.88 -1.22
CA LYS D 114 -24.09 9.08 -0.17
C LYS D 114 -24.70 7.70 -0.23
N LYS D 115 -25.86 7.61 -0.89
CA LYS D 115 -26.52 6.33 -1.09
C LYS D 115 -27.09 6.26 -2.51
N TRP D 116 -27.06 5.06 -3.08
CA TRP D 116 -27.60 4.82 -4.41
C TRP D 116 -29.09 5.13 -4.51
N SER D 117 -29.83 4.92 -3.43
CA SER D 117 -31.28 5.10 -3.44
C SER D 117 -31.70 6.57 -3.42
N ARG D 118 -30.72 7.47 -3.30
CA ARG D 118 -31.02 8.89 -3.33
C ARG D 118 -30.52 9.51 -4.61
N VAL D 119 -30.28 8.69 -5.63
CA VAL D 119 -29.90 9.24 -6.93
C VAL D 119 -31.14 9.76 -7.63
N PRO D 120 -31.00 10.93 -8.29
CA PRO D 120 -32.09 11.63 -8.95
C PRO D 120 -32.53 10.90 -10.22
N PHE D 121 -32.59 9.58 -10.16
CA PHE D 121 -33.12 8.78 -11.26
C PHE D 121 -33.39 7.36 -10.79
N SER D 122 -34.04 6.57 -11.62
CA SER D 122 -34.48 5.24 -11.24
C SER D 122 -33.67 4.13 -11.91
N VAL D 123 -33.08 3.27 -11.09
CA VAL D 123 -32.23 2.19 -11.61
C VAL D 123 -33.00 0.89 -11.69
N PRO D 124 -33.20 0.38 -12.91
CA PRO D 124 -34.01 -0.81 -13.12
C PRO D 124 -33.27 -2.04 -12.62
N ASP D 125 -33.92 -3.20 -12.67
CA ASP D 125 -33.34 -4.43 -12.12
C ASP D 125 -32.41 -5.09 -13.11
N PHE D 126 -31.33 -5.68 -12.60
CA PHE D 126 -30.49 -6.51 -13.42
C PHE D 126 -31.31 -7.71 -13.85
N ASP D 127 -31.13 -8.16 -15.09
CA ASP D 127 -31.87 -9.28 -15.62
C ASP D 127 -30.89 -10.15 -16.38
N PHE D 128 -30.68 -11.37 -15.88
CA PHE D 128 -29.61 -12.23 -16.33
C PHE D 128 -29.75 -12.67 -17.79
N LEU D 129 -30.97 -13.06 -18.20
CA LEU D 129 -31.21 -13.47 -19.58
C LEU D 129 -31.07 -12.28 -20.55
N GLN D 130 -31.54 -11.13 -20.12
CA GLN D 130 -31.40 -9.93 -20.90
C GLN D 130 -29.94 -9.60 -21.10
N HIS D 131 -29.16 -9.80 -20.04
CA HIS D 131 -27.73 -9.54 -20.11
C HIS D 131 -27.06 -10.44 -21.15
N CYS D 132 -27.54 -11.68 -21.25
CA CYS D 132 -27.02 -12.62 -22.24
C CYS D 132 -27.43 -12.17 -23.64
N ALA D 133 -28.72 -11.94 -23.81
CA ALA D 133 -29.26 -11.53 -25.10
C ALA D 133 -28.43 -10.42 -25.71
N GLU D 134 -28.20 -9.35 -24.94
CA GLU D 134 -27.63 -8.13 -25.52
C GLU D 134 -26.13 -8.21 -25.80
N ASN D 135 -25.45 -9.11 -25.09
CA ASN D 135 -24.01 -9.30 -25.27
C ASN D 135 -23.62 -10.47 -26.20
N LEU D 136 -24.61 -11.26 -26.62
CA LEU D 136 -24.35 -12.39 -27.50
C LEU D 136 -24.44 -11.97 -28.95
N SER D 137 -25.24 -10.93 -29.19
CA SER D 137 -25.47 -10.39 -30.53
C SER D 137 -25.76 -8.88 -30.45
N ASP D 138 -25.46 -8.15 -31.52
CA ASP D 138 -25.78 -6.73 -31.56
C ASP D 138 -27.24 -6.50 -31.88
N LEU D 139 -28.01 -6.20 -30.84
CA LEU D 139 -29.42 -5.85 -31.02
C LEU D 139 -29.49 -4.42 -31.57
HG HG E . 2.38 -19.82 6.26
S SO4 F . 5.64 -13.83 23.15
O1 SO4 F . 5.81 -13.18 21.85
O2 SO4 F . 5.80 -15.27 22.98
O3 SO4 F . 6.62 -13.31 24.10
O4 SO4 F . 4.31 -13.55 23.67
HG HG G . 6.39 1.35 -1.42
S SO4 H . 20.85 -4.91 -9.76
O1 SO4 H . 22.05 -5.70 -10.02
O2 SO4 H . 20.66 -3.98 -10.86
O3 SO4 H . 19.68 -5.77 -9.65
O4 SO4 H . 21.03 -4.22 -8.48
S SO4 I . 29.02 16.35 1.15
O1 SO4 I . 30.06 16.52 0.13
O2 SO4 I . 28.48 15.00 1.09
O3 SO4 I . 29.62 16.58 2.46
O4 SO4 I . 27.96 17.31 0.91
HG HG J . 11.62 10.45 1.37
S SO4 K . 30.58 12.19 6.82
O1 SO4 K . 30.51 10.82 6.29
O2 SO4 K . 29.72 12.32 7.98
O3 SO4 K . 31.92 12.53 7.28
O4 SO4 K . 30.21 13.17 5.80
HG HG L . -10.38 9.55 -12.83
S SO4 M . -21.47 3.99 -25.25
O1 SO4 M . -21.60 2.82 -26.12
O2 SO4 M . -20.26 3.90 -24.44
O3 SO4 M . -21.43 5.18 -26.09
O4 SO4 M . -22.64 4.07 -24.39
#